data_8EIA
#
_entry.id   8EIA
#
_cell.length_a   49.810
_cell.length_b   96.066
_cell.length_c   76.790
_cell.angle_alpha   90.000
_cell.angle_beta   106.620
_cell.angle_gamma   90.000
#
_symmetry.space_group_name_H-M   'P 1 21 1'
#
loop_
_entity.id
_entity.type
_entity.pdbx_description
1 polymer 'Catenin beta-1'
2 polymer 'E3 ubiquitin-protein ligase Mdm2'
3 polymer H333
4 non-polymer "N,N'-(1,4-phenylene)diacetamide"
#
loop_
_entity_poly.entity_id
_entity_poly.type
_entity_poly.pdbx_seq_one_letter_code
_entity_poly.pdbx_strand_id
1 'polypeptide(L)'
;GHAVVNLINYQDDAELATRAIPELTKLLNDEDQVVVNKAAVMVHQLSKKEASRHAIMRSPQMVSAIVRTMQNTNDVETAR
CTAGTLHNLSHHREGLLAIFKSGGIPALVKMLGSPVDSVLFYAITTLHNLLLHQEGAKMAVRLAGGLQKMVALLNKTNVK
FLAITTDCLQILAYGNQESKLIILASGGPQALVNIMRTYTYEKLLWTTSRVLKVLSVCSSNKPAIVEAGGMQALGLHLTD
PSQRLVQNCLWTLRNLSDAATKQEGMEGLLGTLVQLLGSDDINVVTCAAGILSNLTCNNYKNKMMVCQVGGIEALVRTVL
RAGDREDITEPAICALRHLTSRHQEAEMAQNAVRLHYGLPVVVKLLHPPSHWPLIKATVGLIRNLALCPANHAPLREQGA
IPRLVQLLVRAHQDTQRRTSMGGTQQQFVEGVRMEEIVEGCTGALHILARDVHNRIVIRGLNTIPLFVQLLYSPIENIQR
VAAGVLCELAQDKEAAEAIEAEGATAPLTELLHSRNEGVATYAAAVLFRMSED
;
A
2 'polypeptide(L)'
;SQIPASEQETLVRPKPLLLKLLKSVGAQKDTYTMKEVLFYLGQYIMTKRLYDEKQQHIVYCSNDLLGDLFGVPSFSVKEH
RKIYTMIYRNLVVVN
;
B
3 'polypeptide(L)' (ACE)PSENARDCFWAAWDCLYFIYQ(NH2) C
#
loop_
_chem_comp.id
_chem_comp.type
_chem_comp.name
_chem_comp.formula
ACE non-polymer 'ACETYL GROUP' 'C2 H4 O'
NH2 non-polymer 'AMINO GROUP' 'H2 N'
WHL non-polymer N,N'-(1,4-phenylene)diacetamide 'C10 H12 N2 O2'
#
# COMPACT_ATOMS: atom_id res chain seq x y z
N ALA A 17 50.57 -42.14 1.28
CA ALA A 17 50.57 -43.40 0.54
C ALA A 17 49.21 -43.68 -0.10
N THR A 18 49.23 -44.29 -1.28
CA THR A 18 48.02 -44.80 -1.91
C THR A 18 48.01 -46.32 -1.80
N ARG A 19 48.28 -47.00 -2.91
CA ARG A 19 48.65 -48.41 -2.95
C ARG A 19 47.60 -49.33 -2.33
N ALA A 20 46.37 -48.88 -2.18
CA ALA A 20 45.32 -49.71 -1.62
C ALA A 20 43.96 -49.36 -2.21
N ILE A 21 43.87 -48.40 -3.11
CA ILE A 21 42.57 -47.95 -3.59
C ILE A 21 41.98 -48.93 -4.60
N PRO A 22 42.71 -49.40 -5.62
CA PRO A 22 42.13 -50.44 -6.48
C PRO A 22 41.74 -51.67 -5.70
N GLU A 23 42.43 -51.96 -4.60
CA GLU A 23 41.99 -52.99 -3.68
C GLU A 23 40.64 -52.64 -3.06
N LEU A 24 40.46 -51.38 -2.69
CA LEU A 24 39.19 -50.91 -2.14
C LEU A 24 38.17 -50.59 -3.22
N THR A 25 38.58 -50.51 -4.48
CA THR A 25 37.67 -50.09 -5.55
C THR A 25 36.66 -51.17 -5.89
N LYS A 26 37.16 -52.33 -6.35
CA LYS A 26 36.28 -53.33 -6.95
C LYS A 26 35.36 -54.00 -5.93
N LEU A 27 35.70 -53.96 -4.63
CA LEU A 27 34.89 -54.67 -3.65
C LEU A 27 33.51 -54.06 -3.50
N LEU A 28 33.38 -52.74 -3.70
CA LEU A 28 32.07 -52.13 -3.66
C LEU A 28 31.23 -52.51 -4.87
N ASN A 29 31.86 -52.77 -6.00
CA ASN A 29 31.16 -53.20 -7.22
C ASN A 29 30.90 -54.70 -7.23
N ASP A 30 31.12 -55.39 -6.10
CA ASP A 30 30.82 -56.81 -6.02
C ASP A 30 29.32 -57.03 -6.16
N GLU A 31 28.94 -57.99 -7.01
CA GLU A 31 27.53 -58.28 -7.24
C GLU A 31 26.85 -58.89 -6.02
N ASP A 32 27.60 -59.25 -4.99
CA ASP A 32 27.02 -59.79 -3.75
C ASP A 32 26.67 -58.59 -2.87
N GLN A 33 25.37 -58.31 -2.72
CA GLN A 33 24.93 -57.11 -2.01
C GLN A 33 25.00 -57.30 -0.50
N VAL A 34 25.76 -58.30 -0.05
CA VAL A 34 26.05 -58.49 1.36
C VAL A 34 27.49 -58.14 1.67
N VAL A 35 28.42 -58.46 0.76
CA VAL A 35 29.81 -58.09 0.94
C VAL A 35 29.98 -56.58 0.83
N VAL A 36 29.14 -55.92 0.01
CA VAL A 36 29.19 -54.47 -0.11
C VAL A 36 28.91 -53.81 1.23
N ASN A 37 27.93 -54.33 1.97
CA ASN A 37 27.67 -53.84 3.32
C ASN A 37 28.89 -54.04 4.21
N LYS A 38 29.56 -55.19 4.08
CA LYS A 38 30.78 -55.46 4.83
C LYS A 38 32.00 -54.75 4.24
N ALA A 39 31.85 -54.09 3.10
CA ALA A 39 32.93 -53.33 2.48
C ALA A 39 32.85 -51.84 2.83
N ALA A 40 31.67 -51.24 2.72
CA ALA A 40 31.49 -49.83 3.07
C ALA A 40 31.39 -49.61 4.57
N VAL A 41 31.32 -50.67 5.37
CA VAL A 41 31.27 -50.49 6.82
C VAL A 41 32.57 -49.91 7.35
N MET A 42 33.68 -50.14 6.64
CA MET A 42 34.98 -49.64 7.05
C MET A 42 35.44 -48.43 6.26
N VAL A 43 34.83 -48.14 5.12
CA VAL A 43 35.22 -46.95 4.34
C VAL A 43 34.77 -45.68 5.05
N HIS A 44 33.50 -45.62 5.46
CA HIS A 44 33.06 -44.55 6.35
C HIS A 44 33.88 -44.55 7.64
N GLN A 45 34.30 -45.73 8.09
CA GLN A 45 35.16 -45.82 9.25
C GLN A 45 36.56 -45.28 8.96
N LEU A 46 37.12 -45.65 7.81
CA LEU A 46 38.46 -45.22 7.43
C LEU A 46 38.50 -43.77 6.97
N SER A 47 37.36 -43.16 6.66
CA SER A 47 37.32 -41.77 6.24
C SER A 47 37.30 -40.79 7.39
N LYS A 48 37.27 -41.28 8.64
CA LYS A 48 37.21 -40.36 9.78
C LYS A 48 38.54 -39.64 9.99
N LYS A 49 39.65 -40.32 9.76
CA LYS A 49 40.97 -39.72 9.95
C LYS A 49 41.27 -38.75 8.82
N GLU A 50 41.90 -37.63 9.17
CA GLU A 50 42.35 -36.69 8.14
C GLU A 50 43.38 -37.32 7.23
N ALA A 51 44.14 -38.28 7.73
CA ALA A 51 45.17 -38.95 6.94
C ALA A 51 44.57 -39.77 5.81
N SER A 52 43.86 -40.84 6.16
CA SER A 52 43.26 -41.71 5.15
C SER A 52 42.15 -41.02 4.36
N ARG A 53 41.66 -39.86 4.83
CA ARG A 53 40.68 -39.12 4.06
C ARG A 53 41.27 -38.59 2.76
N HIS A 54 42.51 -38.10 2.80
CA HIS A 54 43.19 -37.62 1.61
C HIS A 54 43.40 -38.72 0.57
N ALA A 55 43.46 -39.98 1.00
CA ALA A 55 43.64 -41.07 0.05
C ALA A 55 42.38 -41.33 -0.77
N ILE A 56 41.21 -41.15 -0.17
CA ILE A 56 39.97 -41.39 -0.90
C ILE A 56 39.69 -40.26 -1.88
N MET A 57 39.99 -39.02 -1.49
CA MET A 57 39.75 -37.87 -2.35
C MET A 57 40.63 -37.92 -3.59
N ARG A 58 41.88 -38.33 -3.43
CA ARG A 58 42.83 -38.38 -4.53
C ARG A 58 42.51 -39.47 -5.54
N SER A 59 41.52 -40.32 -5.27
CA SER A 59 41.18 -41.42 -6.18
C SER A 59 39.76 -41.28 -6.70
N PRO A 60 39.58 -40.74 -7.91
CA PRO A 60 38.24 -40.73 -8.51
C PRO A 60 37.70 -42.10 -8.84
N GLN A 61 38.55 -43.13 -8.91
CA GLN A 61 38.06 -44.48 -9.11
C GLN A 61 37.34 -45.01 -7.88
N MET A 62 37.76 -44.56 -6.68
CA MET A 62 37.12 -44.97 -5.45
C MET A 62 35.79 -44.26 -5.24
N VAL A 63 35.76 -42.94 -5.47
CA VAL A 63 34.54 -42.17 -5.24
C VAL A 63 33.48 -42.52 -6.28
N SER A 64 33.89 -42.83 -7.51
CA SER A 64 32.94 -43.20 -8.55
C SER A 64 32.18 -44.48 -8.23
N ALA A 65 32.61 -45.24 -7.23
CA ALA A 65 31.89 -46.42 -6.77
C ALA A 65 30.99 -46.13 -5.58
N ILE A 66 31.37 -45.19 -4.72
CA ILE A 66 30.50 -44.80 -3.62
C ILE A 66 29.25 -44.10 -4.13
N VAL A 67 29.39 -43.34 -5.22
CA VAL A 67 28.23 -42.68 -5.82
C VAL A 67 27.24 -43.71 -6.34
N ARG A 68 27.74 -44.74 -7.03
CA ARG A 68 26.87 -45.77 -7.58
C ARG A 68 26.18 -46.56 -6.48
N THR A 69 26.93 -46.94 -5.43
CA THR A 69 26.33 -47.68 -4.33
C THR A 69 25.26 -46.88 -3.60
N MET A 70 25.28 -45.55 -3.73
CA MET A 70 24.25 -44.74 -3.08
C MET A 70 22.95 -44.75 -3.89
N GLN A 71 23.05 -44.47 -5.19
CA GLN A 71 21.89 -44.47 -6.07
C GLN A 71 21.47 -45.87 -6.49
N ASN A 72 22.06 -46.92 -5.92
CA ASN A 72 21.75 -48.29 -6.32
C ASN A 72 22.04 -49.21 -5.13
N THR A 73 21.20 -49.11 -4.10
CA THR A 73 21.28 -50.01 -2.95
C THR A 73 19.90 -50.18 -2.35
N ASN A 74 19.69 -51.33 -1.70
CA ASN A 74 18.47 -51.61 -0.97
C ASN A 74 18.69 -51.68 0.54
N ASP A 75 19.93 -51.64 1.00
CA ASP A 75 20.26 -51.70 2.41
C ASP A 75 20.22 -50.30 3.03
N VAL A 76 20.33 -50.26 4.36
CA VAL A 76 20.28 -49.01 5.12
C VAL A 76 21.66 -48.61 5.61
N GLU A 77 22.43 -49.56 6.16
CA GLU A 77 23.76 -49.25 6.65
C GLU A 77 24.69 -48.85 5.51
N THR A 78 24.46 -49.39 4.31
CA THR A 78 25.26 -48.99 3.16
C THR A 78 25.03 -47.53 2.81
N ALA A 79 23.76 -47.12 2.71
CA ALA A 79 23.45 -45.73 2.37
C ALA A 79 23.98 -44.76 3.43
N ARG A 80 23.91 -45.17 4.71
CA ARG A 80 24.42 -44.30 5.78
C ARG A 80 25.94 -44.21 5.72
N CYS A 81 26.61 -45.32 5.40
CA CYS A 81 28.07 -45.29 5.32
C CYS A 81 28.55 -44.57 4.06
N THR A 82 27.86 -44.76 2.94
CA THR A 82 28.25 -44.09 1.70
C THR A 82 28.04 -42.59 1.80
N ALA A 83 26.79 -42.18 2.01
CA ALA A 83 26.50 -40.74 2.13
C ALA A 83 27.18 -40.14 3.35
N GLY A 84 27.39 -40.93 4.40
CA GLY A 84 28.17 -40.45 5.53
C GLY A 84 29.61 -40.21 5.19
N THR A 85 30.16 -41.00 4.26
CA THR A 85 31.53 -40.77 3.81
C THR A 85 31.64 -39.50 2.98
N LEU A 86 30.64 -39.23 2.15
CA LEU A 86 30.64 -38.01 1.34
C LEU A 86 30.51 -36.75 2.18
N HIS A 87 29.94 -36.85 3.39
CA HIS A 87 29.90 -35.70 4.30
C HIS A 87 31.28 -35.42 4.87
N ASN A 88 32.03 -36.48 5.21
CA ASN A 88 33.37 -36.30 5.73
C ASN A 88 34.31 -35.68 4.72
N LEU A 89 34.01 -35.79 3.42
CA LEU A 89 34.80 -35.16 2.38
C LEU A 89 34.40 -33.71 2.11
N SER A 90 33.21 -33.31 2.52
CA SER A 90 32.74 -31.96 2.20
C SER A 90 33.50 -30.89 2.98
N HIS A 91 33.99 -31.24 4.17
CA HIS A 91 34.76 -30.27 4.95
C HIS A 91 36.06 -29.90 4.26
N HIS A 92 36.65 -30.84 3.52
CA HIS A 92 37.91 -30.61 2.83
C HIS A 92 37.63 -30.12 1.40
N ARG A 93 38.61 -29.39 0.85
CA ARG A 93 38.41 -28.67 -0.40
C ARG A 93 38.34 -29.58 -1.61
N GLU A 94 39.47 -30.21 -1.96
CA GLU A 94 39.51 -31.04 -3.17
C GLU A 94 38.68 -32.31 -3.06
N GLY A 95 38.00 -32.52 -1.95
CA GLY A 95 37.04 -33.59 -1.79
C GLY A 95 35.66 -33.24 -2.28
N LEU A 96 35.42 -31.99 -2.64
CA LEU A 96 34.15 -31.55 -3.23
C LEU A 96 34.17 -31.67 -4.75
N LEU A 97 35.29 -31.29 -5.38
CA LEU A 97 35.40 -31.40 -6.84
C LEU A 97 35.26 -32.85 -7.29
N ALA A 98 35.81 -33.78 -6.51
CA ALA A 98 35.68 -35.20 -6.85
C ALA A 98 34.23 -35.65 -6.80
N ILE A 99 33.47 -35.17 -5.81
CA ILE A 99 32.04 -35.45 -5.77
C ILE A 99 31.34 -34.84 -6.97
N PHE A 100 31.84 -33.69 -7.45
CA PHE A 100 31.18 -33.00 -8.55
C PHE A 100 31.57 -33.56 -9.90
N LYS A 101 32.81 -34.02 -10.05
CA LYS A 101 33.26 -34.60 -11.32
C LYS A 101 32.92 -36.08 -11.45
N SER A 102 32.53 -36.74 -10.37
CA SER A 102 32.00 -38.09 -10.43
C SER A 102 30.49 -38.11 -10.59
N GLY A 103 29.88 -36.96 -10.88
CA GLY A 103 28.44 -36.89 -11.07
C GLY A 103 27.63 -37.14 -9.82
N GLY A 104 28.09 -36.65 -8.67
CA GLY A 104 27.40 -36.94 -7.43
C GLY A 104 26.13 -36.13 -7.24
N ILE A 105 26.05 -34.94 -7.86
CA ILE A 105 24.90 -34.06 -7.65
C ILE A 105 23.58 -34.75 -7.99
N PRO A 106 23.40 -35.39 -9.15
CA PRO A 106 22.12 -36.09 -9.40
C PRO A 106 21.85 -37.23 -8.44
N ALA A 107 22.87 -37.78 -7.79
CA ALA A 107 22.69 -38.89 -6.86
C ALA A 107 22.37 -38.40 -5.45
N LEU A 108 23.04 -37.34 -4.99
CA LEU A 108 22.73 -36.79 -3.67
C LEU A 108 21.30 -36.31 -3.60
N VAL A 109 20.85 -35.58 -4.62
CA VAL A 109 19.47 -35.08 -4.65
C VAL A 109 18.49 -36.24 -4.65
N LYS A 110 18.87 -37.38 -5.23
CA LYS A 110 17.99 -38.55 -5.22
C LYS A 110 17.75 -39.03 -3.79
N MET A 111 18.78 -39.02 -2.95
CA MET A 111 18.62 -39.43 -1.57
C MET A 111 17.78 -38.45 -0.76
N LEU A 112 17.42 -37.30 -1.33
CA LEU A 112 16.40 -36.42 -0.77
C LEU A 112 14.98 -36.92 -1.03
N GLY A 113 14.84 -38.18 -1.39
CA GLY A 113 13.53 -38.77 -1.63
C GLY A 113 13.33 -40.04 -0.84
N SER A 114 14.37 -40.87 -0.75
CA SER A 114 14.31 -42.09 0.04
C SER A 114 14.08 -41.74 1.50
N PRO A 115 12.99 -42.21 2.11
CA PRO A 115 12.66 -41.76 3.47
C PRO A 115 13.57 -42.38 4.52
N VAL A 116 14.50 -41.58 5.06
CA VAL A 116 15.39 -42.00 6.14
C VAL A 116 16.09 -40.77 6.70
N ASP A 117 16.04 -40.59 8.02
CA ASP A 117 16.61 -39.39 8.62
C ASP A 117 18.13 -39.43 8.64
N SER A 118 18.72 -40.61 8.84
CA SER A 118 20.17 -40.71 8.99
C SER A 118 20.92 -40.31 7.73
N VAL A 119 20.28 -40.39 6.56
CA VAL A 119 20.95 -40.01 5.32
C VAL A 119 20.71 -38.55 4.96
N LEU A 120 19.63 -37.93 5.45
CA LEU A 120 19.29 -36.58 5.02
C LEU A 120 20.25 -35.56 5.65
N PHE A 121 20.51 -35.69 6.95
CA PHE A 121 21.51 -34.82 7.58
C PHE A 121 22.88 -34.98 6.93
N TYR A 122 23.14 -36.12 6.28
CA TYR A 122 24.35 -36.32 5.51
C TYR A 122 24.22 -35.87 4.07
N ALA A 123 23.00 -35.85 3.52
CA ALA A 123 22.78 -35.49 2.12
C ALA A 123 22.48 -34.01 1.95
N ILE A 124 21.57 -33.46 2.75
CA ILE A 124 21.24 -32.04 2.63
C ILE A 124 22.40 -31.16 3.08
N THR A 125 23.31 -31.70 3.90
CA THR A 125 24.50 -30.95 4.29
C THR A 125 25.56 -31.02 3.20
N THR A 126 25.81 -32.23 2.67
CA THR A 126 26.78 -32.38 1.60
C THR A 126 26.37 -31.57 0.37
N LEU A 127 25.07 -31.38 0.14
CA LEU A 127 24.62 -30.49 -0.91
C LEU A 127 24.81 -29.03 -0.51
N HIS A 128 24.58 -28.70 0.77
CA HIS A 128 24.70 -27.32 1.21
C HIS A 128 26.14 -26.82 1.06
N ASN A 129 27.10 -27.62 1.50
CA ASN A 129 28.51 -27.26 1.32
C ASN A 129 28.86 -27.14 -0.16
N LEU A 130 28.29 -28.02 -0.99
CA LEU A 130 28.56 -27.96 -2.42
C LEU A 130 27.94 -26.73 -3.06
N LEU A 131 26.84 -26.21 -2.50
CA LEU A 131 26.23 -25.01 -3.07
C LEU A 131 27.08 -23.77 -2.82
N LEU A 132 27.86 -23.76 -1.75
CA LEU A 132 28.63 -22.59 -1.35
C LEU A 132 30.11 -22.71 -1.73
N HIS A 133 30.80 -23.71 -1.17
CA HIS A 133 32.24 -23.81 -1.32
C HIS A 133 32.69 -24.38 -2.66
N GLN A 134 31.78 -24.62 -3.59
CA GLN A 134 32.16 -25.01 -4.95
C GLN A 134 31.17 -24.41 -5.93
N GLU A 135 31.70 -23.81 -6.98
CA GLU A 135 30.88 -23.21 -8.03
C GLU A 135 30.23 -24.31 -8.88
N GLY A 136 29.35 -23.89 -9.78
CA GLY A 136 28.73 -24.81 -10.72
C GLY A 136 27.57 -25.60 -10.14
N ALA A 137 27.69 -25.98 -8.85
CA ALA A 137 26.62 -26.76 -8.22
C ALA A 137 25.32 -25.98 -8.16
N LYS A 138 25.40 -24.65 -8.10
CA LYS A 138 24.18 -23.84 -8.09
C LYS A 138 23.39 -23.97 -9.38
N MET A 139 24.03 -24.39 -10.47
CA MET A 139 23.36 -24.65 -11.74
C MET A 139 23.01 -26.13 -11.92
N ALA A 140 23.91 -27.03 -11.54
CA ALA A 140 23.66 -28.46 -11.71
C ALA A 140 22.50 -28.93 -10.84
N VAL A 141 22.35 -28.37 -9.65
CA VAL A 141 21.25 -28.76 -8.77
C VAL A 141 19.91 -28.35 -9.35
N ARG A 142 19.85 -27.17 -9.97
CA ARG A 142 18.61 -26.75 -10.62
C ARG A 142 18.23 -27.67 -11.76
N LEU A 143 19.21 -28.22 -12.48
CA LEU A 143 18.92 -29.09 -13.61
C LEU A 143 18.55 -30.50 -13.16
N ALA A 144 19.14 -30.99 -12.06
CA ALA A 144 19.19 -32.41 -11.76
C ALA A 144 18.20 -32.84 -10.67
N GLY A 145 17.13 -32.10 -10.45
CA GLY A 145 16.08 -32.54 -9.56
C GLY A 145 16.05 -31.91 -8.18
N GLY A 146 16.69 -30.77 -7.97
CA GLY A 146 16.88 -30.21 -6.65
C GLY A 146 15.68 -29.61 -5.95
N LEU A 147 15.28 -28.40 -6.37
CA LEU A 147 14.26 -27.62 -5.68
C LEU A 147 12.98 -28.41 -5.45
N GLN A 148 12.67 -29.37 -6.32
CA GLN A 148 11.55 -30.28 -6.08
C GLN A 148 11.70 -30.99 -4.74
N LYS A 149 12.76 -31.79 -4.60
CA LYS A 149 12.93 -32.60 -3.41
C LYS A 149 13.13 -31.76 -2.16
N MET A 150 13.73 -30.57 -2.29
CA MET A 150 13.99 -29.73 -1.13
C MET A 150 12.68 -29.16 -0.57
N VAL A 151 11.84 -28.60 -1.43
CA VAL A 151 10.56 -28.06 -0.97
C VAL A 151 9.67 -29.16 -0.44
N ALA A 152 9.73 -30.34 -1.07
CA ALA A 152 8.92 -31.47 -0.63
C ALA A 152 9.29 -31.96 0.76
N LEU A 153 10.51 -31.71 1.21
CA LEU A 153 10.97 -32.15 2.53
C LEU A 153 10.96 -31.01 3.55
N LEU A 154 10.05 -30.05 3.40
CA LEU A 154 9.90 -28.97 4.37
C LEU A 154 9.00 -29.34 5.54
N ASN A 155 8.33 -30.49 5.49
CA ASN A 155 7.39 -30.90 6.52
C ASN A 155 8.01 -31.81 7.56
N LYS A 156 9.33 -31.95 7.59
CA LYS A 156 9.97 -32.80 8.58
C LYS A 156 9.84 -32.20 9.97
N THR A 157 9.70 -33.08 10.97
CA THR A 157 9.50 -32.63 12.35
C THR A 157 10.74 -31.94 12.91
N ASN A 158 11.91 -32.15 12.33
CA ASN A 158 13.11 -31.49 12.81
C ASN A 158 13.13 -30.02 12.41
N VAL A 159 13.87 -29.23 13.18
CA VAL A 159 13.98 -27.79 12.95
C VAL A 159 15.35 -27.41 12.38
N LYS A 160 16.42 -27.94 12.97
CA LYS A 160 17.76 -27.65 12.48
C LYS A 160 17.94 -28.16 11.05
N PHE A 161 17.34 -29.30 10.73
CA PHE A 161 17.37 -29.80 9.36
C PHE A 161 16.75 -28.80 8.40
N LEU A 162 15.66 -28.15 8.81
CA LEU A 162 15.00 -27.18 7.95
C LEU A 162 15.83 -25.90 7.82
N ALA A 163 16.66 -25.59 8.82
CA ALA A 163 17.56 -24.45 8.69
C ALA A 163 18.54 -24.64 7.54
N ILE A 164 18.95 -25.88 7.29
CA ILE A 164 19.83 -26.17 6.16
C ILE A 164 19.03 -26.25 4.86
N THR A 165 17.83 -26.84 4.93
CA THR A 165 17.01 -26.99 3.73
C THR A 165 16.55 -25.64 3.20
N THR A 166 16.01 -24.79 4.08
CA THR A 166 15.56 -23.47 3.64
C THR A 166 16.71 -22.61 3.16
N ASP A 167 17.90 -22.75 3.76
CA ASP A 167 19.05 -21.97 3.31
C ASP A 167 19.48 -22.37 1.91
N CYS A 168 19.36 -23.65 1.56
CA CYS A 168 19.66 -24.06 0.19
C CYS A 168 18.65 -23.48 -0.80
N LEU A 169 17.41 -23.24 -0.36
CA LEU A 169 16.43 -22.61 -1.22
C LEU A 169 16.77 -21.13 -1.45
N GLN A 170 17.41 -20.49 -0.47
CA GLN A 170 17.81 -19.10 -0.65
C GLN A 170 18.96 -18.99 -1.64
N ILE A 171 19.89 -19.94 -1.61
CA ILE A 171 21.04 -19.88 -2.52
C ILE A 171 20.60 -20.11 -3.96
N LEU A 172 19.62 -20.99 -4.17
CA LEU A 172 19.24 -21.36 -5.53
C LEU A 172 18.27 -20.35 -6.15
N ALA A 173 17.32 -19.84 -5.36
CA ALA A 173 16.37 -18.86 -5.84
C ALA A 173 16.93 -17.44 -5.83
N TYR A 174 18.19 -17.26 -5.48
CA TYR A 174 18.80 -15.94 -5.34
C TYR A 174 19.04 -15.33 -6.72
N GLY A 175 18.28 -14.29 -7.04
CA GLY A 175 18.43 -13.59 -8.30
C GLY A 175 18.13 -14.39 -9.55
N ASN A 176 17.73 -15.66 -9.41
CA ASN A 176 17.44 -16.52 -10.55
C ASN A 176 15.93 -16.71 -10.61
N GLN A 177 15.27 -15.94 -11.49
CA GLN A 177 13.81 -16.00 -11.58
C GLN A 177 13.32 -17.34 -12.14
N GLU A 178 14.19 -18.10 -12.81
CA GLU A 178 13.84 -19.47 -13.16
C GLU A 178 13.56 -20.28 -11.91
N SER A 179 14.49 -20.25 -10.95
CA SER A 179 14.29 -20.98 -9.69
C SER A 179 13.14 -20.38 -8.89
N LYS A 180 13.01 -19.06 -8.90
CA LYS A 180 11.93 -18.41 -8.16
C LYS A 180 10.56 -18.92 -8.62
N LEU A 181 10.40 -19.09 -9.94
CA LEU A 181 9.17 -19.67 -10.45
C LEU A 181 9.03 -21.13 -10.06
N ILE A 182 10.16 -21.86 -10.03
CA ILE A 182 10.12 -23.29 -9.76
C ILE A 182 9.54 -23.57 -8.37
N ILE A 183 10.01 -22.83 -7.37
CA ILE A 183 9.50 -23.00 -6.01
C ILE A 183 8.02 -22.63 -5.95
N LEU A 184 7.57 -21.77 -6.86
CA LEU A 184 6.18 -21.31 -6.82
C LEU A 184 5.20 -22.44 -7.14
N ALA A 185 5.42 -23.14 -8.26
CA ALA A 185 4.48 -24.16 -8.70
C ALA A 185 4.44 -25.37 -7.78
N SER A 186 5.47 -25.57 -6.95
CA SER A 186 5.51 -26.69 -6.02
C SER A 186 4.66 -26.46 -4.78
N GLY A 187 3.86 -25.40 -4.74
CA GLY A 187 3.21 -25.01 -3.52
C GLY A 187 4.25 -24.55 -2.52
N GLY A 188 5.06 -23.58 -2.92
CA GLY A 188 6.15 -23.09 -2.11
C GLY A 188 5.71 -22.12 -1.03
N PRO A 189 5.10 -20.99 -1.43
CA PRO A 189 4.69 -20.00 -0.42
C PRO A 189 3.80 -20.56 0.68
N GLN A 190 2.85 -21.42 0.32
CA GLN A 190 1.93 -21.97 1.33
C GLN A 190 2.66 -22.79 2.37
N ALA A 191 3.78 -23.41 2.00
CA ALA A 191 4.56 -24.22 2.93
C ALA A 191 5.55 -23.38 3.75
N LEU A 192 6.12 -22.34 3.14
CA LEU A 192 7.06 -21.48 3.87
C LEU A 192 6.35 -20.68 4.96
N VAL A 193 5.06 -20.38 4.78
CA VAL A 193 4.32 -19.64 5.79
C VAL A 193 4.13 -20.49 7.04
N ASN A 194 3.79 -21.77 6.87
CA ASN A 194 3.60 -22.66 8.00
C ASN A 194 4.87 -22.89 8.81
N ILE A 195 6.02 -22.47 8.31
CA ILE A 195 7.27 -22.58 9.05
C ILE A 195 7.48 -21.36 9.95
N MET A 196 7.18 -20.16 9.45
CA MET A 196 7.24 -18.97 10.28
C MET A 196 6.11 -18.96 11.31
N ARG A 197 4.94 -19.47 10.92
CA ARG A 197 3.79 -19.46 11.81
C ARG A 197 3.95 -20.42 12.98
N THR A 198 4.77 -21.46 12.82
CA THR A 198 4.84 -22.52 13.82
C THR A 198 6.11 -22.45 14.67
N TYR A 199 7.26 -22.76 14.08
CA TYR A 199 8.49 -22.99 14.84
C TYR A 199 8.96 -21.71 15.52
N THR A 200 9.94 -21.88 16.43
CA THR A 200 10.45 -20.78 17.24
C THR A 200 11.96 -20.59 17.15
N TYR A 201 12.67 -21.40 16.36
CA TYR A 201 14.11 -21.27 16.24
C TYR A 201 14.47 -20.04 15.43
N GLU A 202 15.35 -19.20 15.98
CA GLU A 202 15.69 -17.93 15.32
C GLU A 202 16.39 -18.16 13.99
N LYS A 203 17.33 -19.11 13.94
CA LYS A 203 18.11 -19.31 12.74
C LYS A 203 17.25 -19.77 11.57
N LEU A 204 16.26 -20.62 11.84
CA LEU A 204 15.35 -21.06 10.78
C LEU A 204 14.43 -19.92 10.35
N LEU A 205 13.86 -19.19 11.31
CA LEU A 205 12.96 -18.10 10.98
C LEU A 205 13.70 -16.99 10.24
N TRP A 206 14.96 -16.74 10.60
CA TRP A 206 15.75 -15.74 9.88
C TRP A 206 15.99 -16.17 8.45
N THR A 207 16.19 -17.47 8.22
CA THR A 207 16.41 -17.98 6.87
C THR A 207 15.11 -18.01 6.08
N THR A 208 14.03 -18.52 6.69
CA THR A 208 12.76 -18.60 6.00
C THR A 208 12.27 -17.22 5.57
N SER A 209 12.46 -16.21 6.43
CA SER A 209 12.14 -14.84 6.06
C SER A 209 13.07 -14.34 4.97
N ARG A 210 14.36 -14.69 5.05
CA ARG A 210 15.31 -14.32 4.01
C ARG A 210 14.96 -14.95 2.66
N VAL A 211 14.21 -16.05 2.67
CA VAL A 211 13.77 -16.67 1.42
C VAL A 211 12.52 -15.97 0.88
N LEU A 212 11.60 -15.59 1.76
CA LEU A 212 10.35 -14.98 1.31
C LEU A 212 10.58 -13.62 0.67
N LYS A 213 11.67 -12.93 1.01
CA LYS A 213 11.93 -11.63 0.43
C LYS A 213 12.32 -11.75 -1.03
N VAL A 214 13.30 -12.61 -1.34
CA VAL A 214 13.65 -12.86 -2.74
C VAL A 214 12.58 -13.61 -3.51
N LEU A 215 11.49 -13.98 -2.85
CA LEU A 215 10.28 -14.43 -3.53
C LEU A 215 9.24 -13.33 -3.69
N SER A 216 9.36 -12.25 -2.93
CA SER A 216 8.36 -11.18 -2.97
C SER A 216 8.58 -10.24 -4.15
N VAL A 217 9.84 -9.95 -4.47
CA VAL A 217 10.15 -8.96 -5.49
C VAL A 217 9.66 -9.40 -6.86
N CYS A 218 9.64 -10.71 -7.12
CA CYS A 218 9.04 -11.22 -8.34
C CYS A 218 7.52 -11.11 -8.22
N SER A 219 6.91 -10.31 -9.11
CA SER A 219 5.48 -10.01 -9.05
C SER A 219 4.59 -11.18 -9.41
N SER A 220 5.10 -12.41 -9.43
CA SER A 220 4.28 -13.61 -9.61
C SER A 220 3.94 -14.29 -8.29
N ASN A 221 4.91 -14.40 -7.39
CA ASN A 221 4.69 -14.98 -6.07
C ASN A 221 4.01 -14.02 -5.10
N LYS A 222 3.95 -12.73 -5.45
CA LYS A 222 3.47 -11.72 -4.50
C LYS A 222 2.07 -12.00 -3.96
N PRO A 223 1.06 -12.38 -4.78
CA PRO A 223 -0.26 -12.68 -4.20
C PRO A 223 -0.31 -14.04 -3.53
N ALA A 224 0.50 -14.98 -4.01
CA ALA A 224 0.44 -16.35 -3.49
C ALA A 224 0.84 -16.39 -2.01
N ILE A 225 1.85 -15.61 -1.63
CA ILE A 225 2.26 -15.57 -0.23
C ILE A 225 1.18 -14.91 0.62
N VAL A 226 0.60 -13.82 0.11
CA VAL A 226 -0.51 -13.17 0.81
C VAL A 226 -1.71 -14.11 0.89
N GLU A 227 -2.03 -14.79 -0.22
CA GLU A 227 -3.18 -15.68 -0.25
C GLU A 227 -3.09 -16.76 0.81
N ALA A 228 -1.90 -17.31 1.04
CA ALA A 228 -1.74 -18.36 2.04
C ALA A 228 -1.86 -17.80 3.46
N GLY A 229 -1.36 -16.57 3.66
CA GLY A 229 -1.39 -15.95 4.98
C GLY A 229 -0.01 -15.52 5.44
N GLY A 230 0.74 -14.88 4.53
CA GLY A 230 2.10 -14.50 4.87
C GLY A 230 2.16 -13.27 5.76
N MET A 231 1.37 -12.24 5.43
CA MET A 231 1.37 -11.00 6.21
C MET A 231 1.04 -11.30 7.67
N GLN A 232 -0.10 -11.94 7.91
CA GLN A 232 -0.57 -12.17 9.27
C GLN A 232 0.41 -13.00 10.08
N ALA A 233 1.16 -13.89 9.43
CA ALA A 233 2.13 -14.73 10.13
C ALA A 233 3.47 -14.03 10.33
N LEU A 234 3.92 -13.25 9.35
CA LEU A 234 5.20 -12.55 9.50
C LEU A 234 5.14 -11.45 10.56
N GLY A 235 3.94 -10.96 10.90
CA GLY A 235 3.82 -9.97 11.95
C GLY A 235 3.96 -10.53 13.35
N LEU A 236 3.88 -11.86 13.49
CA LEU A 236 4.04 -12.48 14.80
C LEU A 236 5.43 -12.21 15.38
N HIS A 237 6.46 -12.25 14.53
CA HIS A 237 7.84 -12.13 14.97
C HIS A 237 8.38 -10.71 14.86
N LEU A 238 7.50 -9.71 14.76
CA LEU A 238 7.94 -8.33 14.73
C LEU A 238 8.47 -7.87 16.09
N THR A 239 8.19 -8.61 17.16
CA THR A 239 8.65 -8.26 18.50
C THR A 239 9.85 -9.08 18.94
N ASP A 240 10.34 -10.00 18.11
CA ASP A 240 11.47 -10.82 18.48
C ASP A 240 12.73 -9.96 18.59
N PRO A 241 13.67 -10.35 19.47
CA PRO A 241 14.81 -9.45 19.75
C PRO A 241 15.75 -9.25 18.57
N SER A 242 16.13 -10.33 17.88
CA SER A 242 17.12 -10.24 16.81
C SER A 242 16.68 -9.31 15.69
N GLN A 243 17.36 -8.17 15.55
CA GLN A 243 17.00 -7.21 14.52
C GLN A 243 17.30 -7.73 13.12
N ARG A 244 18.20 -8.71 12.99
CA ARG A 244 18.44 -9.32 11.68
C ARG A 244 17.22 -10.05 11.16
N LEU A 245 16.31 -10.45 12.04
CA LEU A 245 15.05 -11.07 11.66
C LEU A 245 13.93 -10.03 11.51
N VAL A 246 13.98 -8.95 12.29
CA VAL A 246 12.87 -8.01 12.32
C VAL A 246 12.79 -7.22 11.02
N GLN A 247 13.89 -6.61 10.60
CA GLN A 247 13.88 -5.80 9.39
C GLN A 247 13.70 -6.64 8.12
N ASN A 248 14.01 -7.93 8.17
CA ASN A 248 13.74 -8.79 7.02
C ASN A 248 12.24 -9.04 6.86
N CYS A 249 11.51 -9.15 7.98
CA CYS A 249 10.07 -9.28 7.90
C CYS A 249 9.43 -8.00 7.37
N LEU A 250 9.89 -6.84 7.85
CA LEU A 250 9.36 -5.57 7.37
C LEU A 250 9.71 -5.35 5.90
N TRP A 251 10.94 -5.66 5.50
CA TRP A 251 11.33 -5.52 4.10
C TRP A 251 10.44 -6.40 3.21
N THR A 252 10.08 -7.59 3.68
CA THR A 252 9.19 -8.45 2.91
C THR A 252 7.82 -7.80 2.74
N LEU A 253 7.17 -7.45 3.86
CA LEU A 253 5.82 -6.90 3.79
C LEU A 253 5.78 -5.63 2.94
N ARG A 254 6.82 -4.80 3.01
CA ARG A 254 6.86 -3.58 2.21
C ARG A 254 6.75 -3.90 0.72
N ASN A 255 7.54 -4.89 0.26
CA ASN A 255 7.40 -5.35 -1.12
C ASN A 255 6.17 -6.23 -1.32
N LEU A 256 5.63 -6.80 -0.25
CA LEU A 256 4.56 -7.78 -0.35
C LEU A 256 3.19 -7.23 0.07
N SER A 257 3.10 -5.96 0.42
CA SER A 257 1.81 -5.35 0.76
C SER A 257 1.09 -4.77 -0.45
N ASP A 258 1.71 -4.81 -1.63
CA ASP A 258 1.05 -4.31 -2.83
C ASP A 258 -0.23 -5.08 -3.11
N ALA A 259 -0.24 -6.38 -2.84
CA ALA A 259 -1.41 -7.21 -3.11
C ALA A 259 -1.92 -7.88 -1.84
N ALA A 260 -2.16 -7.09 -0.79
CA ALA A 260 -2.74 -7.58 0.45
C ALA A 260 -3.88 -6.70 0.93
N THR A 261 -4.51 -5.96 0.02
CA THR A 261 -5.54 -5.00 0.38
C THR A 261 -6.87 -5.66 0.74
N LYS A 262 -7.11 -6.90 0.30
CA LYS A 262 -8.43 -7.49 0.41
C LYS A 262 -8.47 -8.75 1.27
N GLN A 263 -8.00 -8.68 2.51
CA GLN A 263 -8.19 -9.78 3.45
C GLN A 263 -7.95 -9.28 4.87
N GLU A 264 -8.56 -9.98 5.82
CA GLU A 264 -8.56 -9.59 7.22
C GLU A 264 -7.50 -10.37 8.00
N GLY A 265 -7.64 -10.42 9.32
CA GLY A 265 -6.68 -11.07 10.18
C GLY A 265 -5.54 -10.20 10.63
N MET A 266 -5.29 -9.07 9.97
CA MET A 266 -4.24 -8.12 10.29
C MET A 266 -4.55 -7.27 11.51
N GLU A 267 -5.55 -7.68 12.30
CA GLU A 267 -5.96 -6.90 13.46
C GLU A 267 -4.79 -6.56 14.37
N GLY A 268 -3.97 -7.56 14.70
CA GLY A 268 -2.79 -7.30 15.50
C GLY A 268 -1.63 -6.72 14.71
N LEU A 269 -1.58 -6.99 13.40
CA LEU A 269 -0.48 -6.48 12.59
C LEU A 269 -0.51 -4.96 12.50
N LEU A 270 -1.70 -4.37 12.51
CA LEU A 270 -1.81 -2.91 12.52
C LEU A 270 -1.59 -2.34 13.92
N GLY A 271 -1.87 -3.13 14.95
CA GLY A 271 -1.58 -2.73 16.32
C GLY A 271 -0.17 -3.08 16.73
N THR A 272 0.77 -2.97 15.79
CA THR A 272 2.17 -3.25 16.03
C THR A 272 3.04 -2.33 15.17
N LEU A 273 2.62 -2.13 13.92
CA LEU A 273 3.33 -1.19 13.04
C LEU A 273 3.22 0.24 13.56
N VAL A 274 2.13 0.57 14.25
CA VAL A 274 1.98 1.91 14.82
C VAL A 274 3.03 2.16 15.89
N GLN A 275 3.25 1.17 16.76
CA GLN A 275 4.28 1.30 17.79
C GLN A 275 5.68 1.38 17.19
N LEU A 276 5.88 0.81 16.01
CA LEU A 276 7.18 0.88 15.35
C LEU A 276 7.47 2.27 14.82
N LEU A 277 6.46 3.12 14.66
CA LEU A 277 6.70 4.50 14.25
C LEU A 277 7.47 5.26 15.32
N GLY A 278 7.32 4.87 16.59
CA GLY A 278 8.13 5.43 17.65
C GLY A 278 9.32 4.54 17.95
N SER A 279 10.16 4.33 16.94
CA SER A 279 11.37 3.53 17.08
C SER A 279 12.58 4.35 16.70
N ASP A 280 13.72 4.02 17.29
CA ASP A 280 14.96 4.75 17.05
C ASP A 280 15.69 4.30 15.80
N ASP A 281 15.10 3.37 15.03
CA ASP A 281 15.69 2.89 13.79
C ASP A 281 14.95 3.57 12.64
N ILE A 282 15.64 4.49 11.96
CA ILE A 282 15.02 5.23 10.86
C ILE A 282 14.58 4.29 9.76
N ASN A 283 15.38 3.26 9.48
CA ASN A 283 15.02 2.30 8.45
C ASN A 283 13.81 1.45 8.81
N VAL A 284 13.46 1.37 10.09
CA VAL A 284 12.27 0.62 10.49
C VAL A 284 11.01 1.44 10.25
N VAL A 285 11.05 2.73 10.59
CA VAL A 285 9.88 3.59 10.38
C VAL A 285 9.57 3.72 8.89
N THR A 286 10.60 3.91 8.06
CA THR A 286 10.39 4.01 6.62
C THR A 286 9.73 2.76 6.07
N CYS A 287 10.12 1.60 6.57
CA CYS A 287 9.50 0.33 6.19
C CYS A 287 8.24 0.02 6.98
N ALA A 288 7.74 0.98 7.77
CA ALA A 288 6.51 0.80 8.54
C ALA A 288 5.39 1.72 8.09
N ALA A 289 5.70 2.96 7.70
CA ALA A 289 4.68 3.83 7.13
C ALA A 289 4.38 3.48 5.69
N GLY A 290 5.35 2.91 4.97
CA GLY A 290 5.10 2.45 3.62
C GLY A 290 4.18 1.25 3.57
N ILE A 291 4.11 0.49 4.66
CA ILE A 291 3.17 -0.61 4.75
C ILE A 291 1.76 -0.08 4.98
N LEU A 292 1.60 0.82 5.95
CA LEU A 292 0.29 1.41 6.22
C LEU A 292 -0.19 2.26 5.06
N SER A 293 0.73 2.86 4.30
CA SER A 293 0.33 3.61 3.12
C SER A 293 -0.29 2.71 2.06
N ASN A 294 0.16 1.46 1.99
CA ASN A 294 -0.39 0.51 1.02
C ASN A 294 -1.55 -0.29 1.57
N LEU A 295 -1.54 -0.60 2.86
CA LEU A 295 -2.61 -1.38 3.49
C LEU A 295 -3.81 -0.53 3.87
N THR A 296 -3.90 0.69 3.35
CA THR A 296 -5.06 1.54 3.63
C THR A 296 -5.57 2.23 2.37
N CYS A 297 -5.25 1.72 1.18
CA CYS A 297 -5.60 2.40 -0.04
C CYS A 297 -7.02 2.11 -0.51
N ASN A 298 -7.58 0.97 -0.09
CA ASN A 298 -8.93 0.59 -0.53
C ASN A 298 -9.78 -0.06 0.56
N ASN A 299 -9.18 -0.60 1.62
CA ASN A 299 -9.95 -1.33 2.62
C ASN A 299 -10.70 -0.36 3.54
N TYR A 300 -11.95 -0.72 3.85
CA TYR A 300 -12.80 0.10 4.71
C TYR A 300 -12.41 -0.07 6.18
N LYS A 301 -12.42 -1.30 6.67
CA LYS A 301 -12.19 -1.55 8.09
C LYS A 301 -10.73 -1.44 8.50
N ASN A 302 -9.80 -1.48 7.54
CA ASN A 302 -8.39 -1.26 7.89
C ASN A 302 -8.18 0.14 8.44
N LYS A 303 -8.79 1.16 7.80
CA LYS A 303 -8.66 2.52 8.28
C LYS A 303 -9.28 2.69 9.67
N MET A 304 -10.33 1.94 9.96
CA MET A 304 -10.93 1.98 11.29
C MET A 304 -9.94 1.51 12.35
N MET A 305 -9.27 0.38 12.09
CA MET A 305 -8.37 -0.19 13.08
C MET A 305 -7.18 0.72 13.35
N VAL A 306 -6.69 1.41 12.32
CA VAL A 306 -5.58 2.33 12.52
C VAL A 306 -6.01 3.48 13.44
N CYS A 307 -7.16 4.09 13.14
CA CYS A 307 -7.68 5.13 14.01
C CYS A 307 -7.95 4.60 15.41
N GLN A 308 -8.33 3.33 15.54
CA GLN A 308 -8.68 2.74 16.82
C GLN A 308 -7.47 2.37 17.68
N VAL A 309 -6.27 2.37 17.12
CA VAL A 309 -5.06 2.10 17.88
C VAL A 309 -4.24 3.38 18.06
N GLY A 310 -4.85 4.54 17.87
CA GLY A 310 -4.14 5.79 17.99
C GLY A 310 -3.22 6.06 16.82
N GLY A 311 -3.65 5.66 15.62
CA GLY A 311 -2.78 5.77 14.46
C GLY A 311 -2.45 7.21 14.10
N ILE A 312 -3.32 8.16 14.46
CA ILE A 312 -3.11 9.55 14.06
C ILE A 312 -1.97 10.17 14.86
N GLU A 313 -2.08 10.15 16.19
CA GLU A 313 -1.07 10.79 17.04
C GLU A 313 0.31 10.21 16.78
N ALA A 314 0.41 8.88 16.65
CA ALA A 314 1.71 8.27 16.44
C ALA A 314 2.25 8.53 15.03
N LEU A 315 1.36 8.76 14.07
CA LEU A 315 1.79 9.03 12.70
C LEU A 315 2.08 10.51 12.48
N VAL A 316 1.27 11.40 13.07
CA VAL A 316 1.54 12.83 13.00
C VAL A 316 2.90 13.13 13.62
N ARG A 317 3.21 12.47 14.75
CA ARG A 317 4.50 12.65 15.41
C ARG A 317 5.65 12.26 14.50
N THR A 318 5.44 11.31 13.59
CA THR A 318 6.51 10.83 12.73
C THR A 318 6.91 11.89 11.71
N VAL A 319 5.94 12.61 11.14
CA VAL A 319 6.26 13.65 10.16
C VAL A 319 7.00 14.81 10.82
N LEU A 320 6.73 15.04 12.09
CA LEU A 320 7.43 16.09 12.79
C LEU A 320 8.87 15.69 12.97
N ARG A 321 9.10 14.53 13.59
CA ARG A 321 10.46 14.06 13.81
C ARG A 321 10.92 13.17 12.71
N ALA A 322 11.22 13.77 11.58
CA ALA A 322 11.64 13.02 10.44
C ALA A 322 12.15 14.06 9.53
N GLY A 323 11.71 15.27 9.76
CA GLY A 323 12.21 16.36 8.99
C GLY A 323 12.03 16.30 7.51
N ASP A 324 12.75 17.14 6.82
CA ASP A 324 12.61 17.24 5.37
C ASP A 324 12.91 15.92 4.67
N ARG A 325 13.15 14.84 5.41
CA ARG A 325 13.33 13.52 4.82
C ARG A 325 12.04 13.07 4.15
N GLU A 326 11.93 13.31 2.84
CA GLU A 326 10.70 12.98 2.13
C GLU A 326 10.43 11.48 2.12
N ASP A 327 11.48 10.66 2.25
CA ASP A 327 11.30 9.21 2.22
C ASP A 327 10.47 8.70 3.39
N ILE A 328 10.30 9.51 4.43
CA ILE A 328 9.47 9.13 5.57
C ILE A 328 8.13 9.85 5.49
N THR A 329 8.14 11.10 5.00
CA THR A 329 6.92 11.89 4.93
C THR A 329 6.03 11.48 3.76
N GLU A 330 6.61 10.94 2.69
CA GLU A 330 5.80 10.56 1.53
C GLU A 330 4.79 9.47 1.84
N PRO A 331 5.14 8.36 2.51
CA PRO A 331 4.11 7.37 2.87
C PRO A 331 3.25 7.83 4.03
N ALA A 332 3.81 8.67 4.89
CA ALA A 332 3.06 9.13 6.06
C ALA A 332 1.90 10.05 5.67
N ILE A 333 2.13 10.93 4.70
CA ILE A 333 1.07 11.81 4.23
C ILE A 333 0.00 11.01 3.49
N CYS A 334 0.43 10.05 2.67
CA CYS A 334 -0.53 9.18 1.99
C CYS A 334 -1.37 8.40 3.00
N ALA A 335 -0.74 7.95 4.10
CA ALA A 335 -1.49 7.22 5.12
C ALA A 335 -2.53 8.12 5.78
N LEU A 336 -2.17 9.38 6.06
CA LEU A 336 -3.14 10.30 6.63
C LEU A 336 -4.25 10.65 5.63
N ARG A 337 -3.92 10.71 4.35
CA ARG A 337 -4.94 10.98 3.33
C ARG A 337 -5.97 9.86 3.29
N HIS A 338 -5.52 8.61 3.47
CA HIS A 338 -6.45 7.48 3.43
C HIS A 338 -7.36 7.46 4.66
N LEU A 339 -6.78 7.68 5.84
CA LEU A 339 -7.57 7.63 7.07
C LEU A 339 -8.57 8.76 7.17
N THR A 340 -8.40 9.84 6.40
CA THR A 340 -9.29 10.98 6.47
C THR A 340 -10.33 11.00 5.34
N SER A 341 -10.31 10.02 4.44
CA SER A 341 -11.14 10.06 3.25
C SER A 341 -11.95 8.78 3.12
N ARG A 342 -13.27 8.93 3.01
CA ARG A 342 -14.20 7.88 2.59
C ARG A 342 -14.15 6.67 3.52
N HIS A 343 -14.66 6.89 4.73
CA HIS A 343 -14.99 5.83 5.68
C HIS A 343 -15.68 6.46 6.87
N GLN A 344 -16.08 5.62 7.83
CA GLN A 344 -16.91 6.05 8.94
C GLN A 344 -16.17 7.03 9.84
N GLU A 345 -14.89 6.78 10.13
CA GLU A 345 -14.13 7.58 11.08
C GLU A 345 -13.49 8.79 10.41
N ALA A 346 -14.18 9.39 9.44
CA ALA A 346 -13.57 10.47 8.68
C ALA A 346 -13.55 11.78 9.49
N GLU A 347 -14.67 12.11 10.14
CA GLU A 347 -14.75 13.35 10.89
C GLU A 347 -13.72 13.43 12.01
N MET A 348 -13.36 12.30 12.59
CA MET A 348 -12.37 12.29 13.65
C MET A 348 -10.94 12.36 13.11
N ALA A 349 -10.65 11.60 12.04
CA ALA A 349 -9.31 11.60 11.49
C ALA A 349 -8.95 12.95 10.88
N GLN A 350 -9.93 13.69 10.38
CA GLN A 350 -9.68 15.05 9.93
C GLN A 350 -9.53 16.01 11.10
N ASN A 351 -9.98 15.61 12.29
CA ASN A 351 -9.89 16.44 13.48
C ASN A 351 -8.65 16.15 14.31
N ALA A 352 -8.26 14.88 14.42
CA ALA A 352 -7.12 14.50 15.24
C ALA A 352 -5.80 14.99 14.66
N VAL A 353 -5.77 15.38 13.38
CA VAL A 353 -4.58 16.01 12.83
C VAL A 353 -4.39 17.40 13.43
N ARG A 354 -5.49 18.10 13.69
CA ARG A 354 -5.41 19.42 14.30
C ARG A 354 -5.12 19.35 15.80
N LEU A 355 -5.80 18.45 16.51
CA LEU A 355 -5.64 18.37 17.96
C LEU A 355 -4.25 17.91 18.35
N HIS A 356 -3.58 17.12 17.51
CA HIS A 356 -2.23 16.67 17.77
C HIS A 356 -1.19 17.53 17.06
N TYR A 357 -1.58 18.74 16.65
CA TYR A 357 -0.65 19.75 16.11
C TYR A 357 0.08 19.24 14.87
N GLY A 358 -0.70 18.77 13.89
CA GLY A 358 -0.13 18.29 12.64
C GLY A 358 -0.38 19.22 11.47
N LEU A 359 -1.26 20.21 11.67
CA LEU A 359 -1.57 21.14 10.59
C LEU A 359 -0.39 22.00 10.17
N PRO A 360 0.39 22.62 11.07
CA PRO A 360 1.46 23.52 10.59
C PRO A 360 2.53 22.83 9.77
N VAL A 361 2.92 21.61 10.15
CA VAL A 361 4.00 20.93 9.43
C VAL A 361 3.57 20.53 8.02
N VAL A 362 2.29 20.17 7.85
CA VAL A 362 1.82 19.73 6.54
C VAL A 362 1.90 20.87 5.54
N VAL A 363 1.63 22.10 5.99
CA VAL A 363 1.74 23.25 5.10
C VAL A 363 3.21 23.55 4.79
N LYS A 364 4.13 23.20 5.68
CA LYS A 364 5.54 23.44 5.43
C LYS A 364 6.09 22.50 4.35
N LEU A 365 5.53 21.30 4.24
CA LEU A 365 5.97 20.39 3.19
C LEU A 365 5.63 20.90 1.79
N LEU A 366 4.68 21.83 1.67
CA LEU A 366 4.38 22.43 0.38
C LEU A 366 5.59 23.19 -0.15
N HIS A 367 6.27 23.94 0.71
CA HIS A 367 7.41 24.73 0.33
C HIS A 367 8.62 23.85 0.07
N PRO A 368 9.61 24.35 -0.69
CA PRO A 368 10.86 23.61 -0.88
C PRO A 368 11.54 23.35 0.45
N PRO A 369 12.55 22.46 0.49
CA PRO A 369 13.16 21.69 -0.60
C PRO A 369 12.41 20.42 -0.97
N SER A 370 11.12 20.34 -0.67
CA SER A 370 10.36 19.12 -0.94
C SER A 370 10.22 18.91 -2.44
N HIS A 371 10.55 17.69 -2.89
CA HIS A 371 10.40 17.34 -4.30
C HIS A 371 8.93 17.20 -4.65
N TRP A 372 8.66 16.90 -5.91
CA TRP A 372 7.31 16.92 -6.46
C TRP A 372 6.47 15.71 -6.06
N PRO A 373 6.99 14.47 -6.12
CA PRO A 373 6.14 13.32 -5.73
C PRO A 373 5.58 13.42 -4.32
N LEU A 374 6.31 14.03 -3.38
CA LEU A 374 5.75 14.26 -2.06
C LEU A 374 4.72 15.37 -2.09
N ILE A 375 5.02 16.46 -2.79
CA ILE A 375 4.08 17.58 -2.89
C ILE A 375 2.77 17.14 -3.51
N LYS A 376 2.84 16.26 -4.51
CA LYS A 376 1.64 15.73 -5.14
C LYS A 376 0.73 15.06 -4.11
N ALA A 377 1.32 14.34 -3.16
CA ALA A 377 0.54 13.68 -2.11
C ALA A 377 0.10 14.66 -1.02
N THR A 378 0.81 15.78 -0.84
CA THR A 378 0.45 16.72 0.21
C THR A 378 -0.70 17.62 -0.21
N VAL A 379 -0.64 18.16 -1.43
CA VAL A 379 -1.74 18.97 -1.94
C VAL A 379 -3.03 18.17 -2.02
N GLY A 380 -2.92 16.85 -2.13
CA GLY A 380 -4.09 15.98 -2.05
C GLY A 380 -4.53 15.67 -0.63
N LEU A 381 -3.62 15.82 0.34
CA LEU A 381 -4.02 15.70 1.75
C LEU A 381 -4.79 16.93 2.21
N ILE A 382 -4.49 18.10 1.64
CA ILE A 382 -5.16 19.33 2.04
C ILE A 382 -6.65 19.26 1.72
N ARG A 383 -7.00 18.72 0.56
CA ARG A 383 -8.41 18.62 0.20
C ARG A 383 -9.17 17.68 1.11
N ASN A 384 -8.47 16.76 1.79
CA ASN A 384 -9.11 15.94 2.81
C ASN A 384 -9.11 16.60 4.18
N LEU A 385 -8.06 17.36 4.50
CA LEU A 385 -8.02 18.06 5.77
C LEU A 385 -9.01 19.22 5.83
N ALA A 386 -9.44 19.74 4.67
CA ALA A 386 -10.35 20.87 4.64
C ALA A 386 -11.81 20.46 4.59
N LEU A 387 -12.11 19.16 4.59
CA LEU A 387 -13.50 18.71 4.64
C LEU A 387 -14.14 19.10 5.96
N CYS A 388 -13.51 18.73 7.07
CA CYS A 388 -13.97 19.17 8.38
C CYS A 388 -13.78 20.68 8.49
N PRO A 389 -14.85 21.45 8.68
CA PRO A 389 -14.71 22.92 8.66
C PRO A 389 -13.86 23.47 9.80
N ALA A 390 -13.55 22.67 10.82
CA ALA A 390 -12.68 23.12 11.89
C ALA A 390 -11.23 23.29 11.46
N ASN A 391 -10.92 23.05 10.18
CA ASN A 391 -9.58 23.22 9.66
C ASN A 391 -9.49 24.30 8.60
N HIS A 392 -10.59 25.00 8.29
CA HIS A 392 -10.53 26.07 7.29
C HIS A 392 -9.66 27.22 7.79
N ALA A 393 -9.87 27.65 9.03
CA ALA A 393 -9.11 28.79 9.54
C ALA A 393 -7.63 28.47 9.74
N PRO A 394 -7.24 27.36 10.40
CA PRO A 394 -5.81 27.11 10.59
C PRO A 394 -5.02 26.99 9.28
N LEU A 395 -5.64 26.47 8.22
CA LEU A 395 -4.94 26.40 6.94
C LEU A 395 -4.68 27.79 6.37
N ARG A 396 -5.67 28.68 6.46
CA ARG A 396 -5.47 30.06 6.01
C ARG A 396 -4.40 30.75 6.83
N GLU A 397 -4.35 30.48 8.13
CA GLU A 397 -3.33 31.11 8.99
C GLU A 397 -1.93 30.63 8.64
N GLN A 398 -1.78 29.37 8.24
CA GLN A 398 -0.49 28.81 7.88
C GLN A 398 -0.05 29.15 6.47
N GLY A 399 -0.78 30.01 5.76
CA GLY A 399 -0.41 30.38 4.41
C GLY A 399 -0.63 29.29 3.38
N ALA A 400 -1.77 28.61 3.44
CA ALA A 400 -2.04 27.54 2.48
C ALA A 400 -2.46 28.10 1.14
N ILE A 401 -3.39 29.07 1.14
CA ILE A 401 -3.87 29.64 -0.13
C ILE A 401 -2.74 30.25 -0.95
N PRO A 402 -1.90 31.14 -0.42
CA PRO A 402 -0.85 31.74 -1.27
C PRO A 402 0.20 30.75 -1.74
N ARG A 403 0.34 29.61 -1.05
CA ARG A 403 1.28 28.58 -1.48
C ARG A 403 0.67 27.63 -2.50
N LEU A 404 -0.58 27.19 -2.29
CA LEU A 404 -1.24 26.32 -3.24
C LEU A 404 -1.39 27.01 -4.60
N VAL A 405 -1.59 28.32 -4.60
CA VAL A 405 -1.66 29.06 -5.85
C VAL A 405 -0.29 29.07 -6.54
N GLN A 406 0.78 29.23 -5.75
CA GLN A 406 2.12 29.23 -6.31
C GLN A 406 2.42 27.94 -7.06
N LEU A 407 2.18 26.80 -6.42
CA LEU A 407 2.37 25.52 -7.09
C LEU A 407 1.43 25.39 -8.29
N LEU A 408 0.21 25.89 -8.16
CA LEU A 408 -0.72 25.87 -9.29
C LEU A 408 -0.24 26.75 -10.44
N VAL A 409 0.44 27.86 -10.12
CA VAL A 409 0.91 28.76 -11.16
C VAL A 409 1.99 28.07 -12.01
N ARG A 410 3.02 27.52 -11.35
CA ARG A 410 4.10 26.90 -12.09
C ARG A 410 3.63 25.64 -12.82
N ALA A 411 2.74 24.87 -12.19
CA ALA A 411 2.25 23.65 -12.83
C ALA A 411 1.56 23.96 -14.16
N HIS A 412 0.85 25.08 -14.22
CA HIS A 412 0.27 25.51 -15.49
C HIS A 412 1.33 26.18 -16.37
N GLN A 413 2.19 27.00 -15.78
CA GLN A 413 3.31 27.62 -16.50
C GLN A 413 4.49 26.67 -16.70
N ASP A 414 4.20 25.38 -16.90
CA ASP A 414 5.21 24.39 -17.23
C ASP A 414 4.63 23.42 -18.24
N THR A 415 3.38 23.00 -18.01
CA THR A 415 2.64 22.24 -19.00
C THR A 415 2.14 23.10 -20.14
N GLN A 416 2.22 24.42 -20.01
CA GLN A 416 1.97 25.33 -21.13
C GLN A 416 3.14 25.38 -22.10
N ARG A 417 4.23 24.69 -21.80
CA ARG A 417 5.33 24.49 -22.76
C ARG A 417 4.96 23.51 -23.87
N ARG A 418 3.72 23.56 -24.37
CA ARG A 418 3.30 22.77 -25.50
C ARG A 418 3.98 23.21 -26.80
N THR A 419 4.63 24.37 -26.79
CA THR A 419 5.37 24.89 -27.94
C THR A 419 6.57 24.02 -28.32
N SER A 420 6.91 23.04 -27.50
CA SER A 420 8.05 22.17 -27.76
C SER A 420 7.79 21.19 -28.91
N PHE A 428 7.94 12.98 -17.69
CA PHE A 428 7.97 12.58 -16.30
C PHE A 428 9.37 12.69 -15.70
N VAL A 429 10.05 11.55 -15.58
CA VAL A 429 11.38 11.43 -15.01
C VAL A 429 11.37 11.81 -13.53
N GLU A 430 10.80 12.99 -13.22
CA GLU A 430 10.58 13.35 -11.84
C GLU A 430 9.51 12.49 -11.18
N GLY A 431 8.65 11.84 -11.98
CA GLY A 431 7.63 10.96 -11.47
C GLY A 431 6.24 11.56 -11.36
N VAL A 432 6.10 12.85 -11.64
CA VAL A 432 4.83 13.55 -11.53
C VAL A 432 4.41 14.04 -12.90
N ARG A 433 3.23 13.64 -13.34
CA ARG A 433 2.62 14.20 -14.55
C ARG A 433 2.05 15.56 -14.18
N MET A 434 2.62 16.62 -14.77
CA MET A 434 2.34 17.99 -14.32
C MET A 434 0.86 18.37 -14.45
N GLU A 435 0.05 17.57 -15.16
CA GLU A 435 -1.39 17.76 -15.15
C GLU A 435 -2.04 17.28 -13.86
N GLU A 436 -1.32 16.55 -13.02
CA GLU A 436 -1.88 16.08 -11.75
C GLU A 436 -1.80 17.16 -10.67
N ILE A 437 -0.75 17.99 -10.69
CA ILE A 437 -0.67 19.08 -9.72
C ILE A 437 -1.79 20.07 -9.95
N VAL A 438 -2.10 20.38 -11.22
CA VAL A 438 -3.24 21.22 -11.53
C VAL A 438 -4.54 20.51 -11.13
N GLU A 439 -4.58 19.19 -11.29
CA GLU A 439 -5.77 18.42 -10.93
C GLU A 439 -6.02 18.44 -9.43
N GLY A 440 -4.96 18.52 -8.63
CA GLY A 440 -5.09 18.48 -7.19
C GLY A 440 -5.21 19.84 -6.52
N CYS A 441 -4.42 20.80 -7.00
CA CYS A 441 -4.46 22.15 -6.41
C CYS A 441 -5.82 22.79 -6.61
N THR A 442 -6.32 22.80 -7.85
CA THR A 442 -7.66 23.32 -8.12
C THR A 442 -8.73 22.45 -7.49
N GLY A 443 -8.41 21.20 -7.13
CA GLY A 443 -9.33 20.39 -6.37
C GLY A 443 -9.32 20.70 -4.90
N ALA A 444 -8.16 21.07 -4.35
CA ALA A 444 -8.07 21.47 -2.95
C ALA A 444 -8.72 22.82 -2.73
N LEU A 445 -8.45 23.79 -3.61
CA LEU A 445 -9.04 25.12 -3.48
C LEU A 445 -10.56 25.06 -3.55
N HIS A 446 -11.12 24.12 -4.32
CA HIS A 446 -12.57 23.96 -4.39
C HIS A 446 -13.15 23.67 -3.01
N ILE A 447 -12.42 22.97 -2.15
CA ILE A 447 -12.90 22.69 -0.80
C ILE A 447 -12.58 23.85 0.13
N LEU A 448 -11.41 24.48 -0.03
CA LEU A 448 -11.06 25.61 0.82
C LEU A 448 -11.91 26.84 0.52
N ALA A 449 -12.41 26.97 -0.71
CA ALA A 449 -13.24 28.11 -1.10
C ALA A 449 -14.63 28.08 -0.48
N ARG A 450 -14.83 27.31 0.60
CA ARG A 450 -16.10 27.30 1.31
C ARG A 450 -16.16 28.36 2.41
N ASP A 451 -15.08 28.51 3.17
CA ASP A 451 -15.01 29.58 4.14
C ASP A 451 -14.93 30.92 3.41
N VAL A 452 -15.77 31.87 3.82
CA VAL A 452 -15.89 33.14 3.11
C VAL A 452 -14.57 33.90 3.11
N HIS A 453 -13.77 33.76 4.17
CA HIS A 453 -12.49 34.46 4.22
C HIS A 453 -11.52 33.93 3.17
N ASN A 454 -11.59 32.64 2.85
CA ASN A 454 -10.77 32.10 1.77
C ASN A 454 -11.20 32.68 0.43
N ARG A 455 -12.49 32.88 0.24
CA ARG A 455 -13.00 33.43 -1.03
C ARG A 455 -12.53 34.87 -1.27
N ILE A 456 -12.08 35.57 -0.22
CA ILE A 456 -11.51 36.89 -0.41
C ILE A 456 -10.02 36.78 -0.75
N VAL A 457 -9.33 35.80 -0.14
CA VAL A 457 -7.91 35.62 -0.41
C VAL A 457 -7.70 35.05 -1.81
N ILE A 458 -8.49 34.04 -2.18
CA ILE A 458 -8.36 33.45 -3.51
C ILE A 458 -8.72 34.49 -4.58
N ARG A 459 -9.75 35.30 -4.31
CA ARG A 459 -10.08 36.39 -5.23
C ARG A 459 -8.98 37.45 -5.23
N GLY A 460 -8.44 37.78 -4.06
CA GLY A 460 -7.46 38.85 -3.97
C GLY A 460 -6.13 38.49 -4.61
N LEU A 461 -5.82 37.20 -4.69
CA LEU A 461 -4.58 36.77 -5.31
C LEU A 461 -4.63 36.83 -6.83
N ASN A 462 -5.72 37.32 -7.42
CA ASN A 462 -5.89 37.42 -8.86
C ASN A 462 -5.72 36.04 -9.51
N THR A 463 -6.69 35.17 -9.21
CA THR A 463 -6.69 33.80 -9.70
C THR A 463 -7.85 33.49 -10.64
N ILE A 464 -8.93 34.27 -10.61
CA ILE A 464 -10.09 33.97 -11.44
C ILE A 464 -9.76 33.94 -12.93
N PRO A 465 -9.01 34.91 -13.50
CA PRO A 465 -8.70 34.83 -14.94
C PRO A 465 -7.80 33.67 -15.30
N LEU A 466 -7.33 32.92 -14.30
CA LEU A 466 -6.53 31.72 -14.55
C LEU A 466 -7.40 30.46 -14.62
N PHE A 467 -8.43 30.36 -13.77
CA PHE A 467 -9.33 29.22 -13.85
C PHE A 467 -10.06 29.17 -15.18
N VAL A 468 -10.30 30.32 -15.80
CA VAL A 468 -10.99 30.36 -17.09
C VAL A 468 -10.14 29.73 -18.18
N GLN A 469 -8.82 29.97 -18.14
CA GLN A 469 -7.93 29.33 -19.10
C GLN A 469 -7.84 27.83 -18.87
N LEU A 470 -7.90 27.40 -17.61
CA LEU A 470 -7.97 25.98 -17.29
C LEU A 470 -9.25 25.33 -17.80
N LEU A 471 -10.32 26.10 -17.98
CA LEU A 471 -11.60 25.60 -18.44
C LEU A 471 -11.54 25.06 -19.86
N TYR A 472 -10.43 25.24 -20.57
CA TYR A 472 -10.24 24.69 -21.91
C TYR A 472 -9.43 23.42 -21.91
N SER A 473 -8.98 22.96 -20.75
CA SER A 473 -8.18 21.74 -20.67
C SER A 473 -9.02 20.54 -21.08
N PRO A 474 -8.56 19.72 -22.03
CA PRO A 474 -9.32 18.52 -22.42
C PRO A 474 -9.41 17.47 -21.34
N ILE A 475 -8.75 17.66 -20.19
CA ILE A 475 -8.88 16.72 -19.08
C ILE A 475 -10.25 16.90 -18.45
N GLU A 476 -10.95 15.78 -18.25
CA GLU A 476 -12.27 15.85 -17.63
C GLU A 476 -12.21 15.95 -16.11
N ASN A 477 -11.01 15.89 -15.52
CA ASN A 477 -10.87 16.13 -14.09
C ASN A 477 -10.48 17.58 -13.80
N ILE A 478 -9.82 18.24 -14.74
CA ILE A 478 -9.55 19.67 -14.59
C ILE A 478 -10.86 20.45 -14.62
N GLN A 479 -11.72 20.14 -15.60
CA GLN A 479 -13.00 20.85 -15.73
C GLN A 479 -13.92 20.57 -14.55
N ARG A 480 -13.78 19.41 -13.91
CA ARG A 480 -14.63 19.06 -12.78
C ARG A 480 -14.39 20.01 -11.61
N VAL A 481 -13.14 20.36 -11.35
CA VAL A 481 -12.77 21.19 -10.21
C VAL A 481 -12.66 22.66 -10.58
N ALA A 482 -12.18 22.96 -11.80
CA ALA A 482 -12.11 24.34 -12.23
C ALA A 482 -13.49 24.97 -12.31
N ALA A 483 -14.41 24.32 -13.02
CA ALA A 483 -15.81 24.74 -13.01
C ALA A 483 -16.50 24.43 -11.69
N GLY A 484 -15.79 23.85 -10.73
CA GLY A 484 -16.35 23.61 -9.41
C GLY A 484 -15.88 24.65 -8.40
N VAL A 485 -14.60 25.01 -8.47
CA VAL A 485 -14.09 26.05 -7.57
C VAL A 485 -14.67 27.41 -7.93
N LEU A 486 -14.99 27.63 -9.20
CA LEU A 486 -15.68 28.86 -9.59
C LEU A 486 -17.11 28.88 -9.06
N CYS A 487 -17.74 27.70 -8.94
CA CYS A 487 -19.06 27.64 -8.33
C CYS A 487 -19.01 28.03 -6.85
N GLU A 488 -17.95 27.62 -6.16
CA GLU A 488 -17.77 28.03 -4.77
C GLU A 488 -17.38 29.50 -4.64
N LEU A 489 -16.99 30.16 -5.73
CA LEU A 489 -16.73 31.59 -5.73
C LEU A 489 -17.90 32.41 -6.23
N ALA A 490 -18.94 31.77 -6.76
CA ALA A 490 -20.05 32.49 -7.39
C ALA A 490 -21.03 33.09 -6.39
N GLN A 491 -20.91 32.77 -5.10
CA GLN A 491 -21.83 33.31 -4.11
C GLN A 491 -21.71 34.82 -4.03
N ASP A 492 -20.51 35.32 -3.77
CA ASP A 492 -20.28 36.75 -3.66
C ASP A 492 -20.46 37.42 -5.02
N LYS A 493 -21.30 38.46 -5.07
CA LYS A 493 -21.47 39.21 -6.31
C LYS A 493 -20.19 39.97 -6.66
N GLU A 494 -19.37 40.29 -5.66
CA GLU A 494 -18.10 40.96 -5.91
C GLU A 494 -17.21 40.16 -6.85
N ALA A 495 -17.34 38.85 -6.84
CA ALA A 495 -16.60 37.97 -7.75
C ALA A 495 -17.45 37.44 -8.89
N ALA A 496 -18.76 37.32 -8.71
CA ALA A 496 -19.64 36.75 -9.72
C ALA A 496 -19.59 37.53 -11.04
N GLU A 497 -20.12 38.75 -11.05
CA GLU A 497 -20.11 39.56 -12.25
C GLU A 497 -18.69 39.94 -12.69
N ALA A 498 -17.68 39.65 -11.88
CA ALA A 498 -16.30 39.78 -12.32
C ALA A 498 -15.89 38.58 -13.17
N ILE A 499 -16.36 37.38 -12.81
CA ILE A 499 -16.06 36.20 -13.61
C ILE A 499 -16.76 36.28 -14.97
N GLU A 500 -18.00 36.74 -14.98
CA GLU A 500 -18.78 36.84 -16.22
C GLU A 500 -18.17 37.81 -17.22
N ALA A 501 -17.15 38.58 -16.82
CA ALA A 501 -16.47 39.49 -17.73
C ALA A 501 -15.25 38.82 -18.37
N GLU A 502 -14.38 38.21 -17.57
CA GLU A 502 -13.17 37.56 -18.06
C GLU A 502 -13.51 36.16 -18.55
N GLY A 503 -14.20 36.10 -19.69
CA GLY A 503 -14.58 34.84 -20.27
C GLY A 503 -15.73 34.18 -19.54
N ALA A 504 -15.69 32.84 -19.49
CA ALA A 504 -16.62 32.01 -18.74
C ALA A 504 -18.05 32.05 -19.30
N THR A 505 -18.38 33.06 -20.09
CA THR A 505 -19.73 33.14 -20.66
C THR A 505 -19.90 32.16 -21.82
N ALA A 506 -18.87 32.01 -22.65
CA ALA A 506 -18.93 31.15 -23.83
C ALA A 506 -18.35 29.77 -23.58
N PRO A 507 -17.16 29.63 -22.96
CA PRO A 507 -16.61 28.27 -22.76
C PRO A 507 -17.47 27.40 -21.85
N LEU A 508 -18.17 28.00 -20.88
CA LEU A 508 -19.08 27.26 -20.03
C LEU A 508 -20.40 26.93 -20.71
N THR A 509 -20.70 27.59 -21.84
CA THR A 509 -22.01 27.40 -22.47
C THR A 509 -22.19 25.97 -22.96
N GLU A 510 -21.13 25.36 -23.50
CA GLU A 510 -21.19 23.98 -23.97
C GLU A 510 -20.28 23.07 -23.16
N LEU A 511 -20.17 23.35 -21.86
CA LEU A 511 -19.77 22.34 -20.89
C LEU A 511 -20.98 21.63 -20.30
N LEU A 512 -22.19 22.01 -20.71
CA LEU A 512 -23.42 21.43 -20.22
C LEU A 512 -23.89 20.26 -21.07
N HIS A 513 -22.97 19.63 -21.82
CA HIS A 513 -23.28 18.40 -22.54
C HIS A 513 -22.12 17.41 -22.50
N SER A 514 -21.10 17.65 -21.68
CA SER A 514 -20.05 16.67 -21.49
C SER A 514 -20.62 15.45 -20.78
N ARG A 515 -19.91 14.32 -20.92
CA ARG A 515 -20.47 13.03 -20.56
C ARG A 515 -20.74 12.93 -19.06
N ASN A 516 -19.70 13.06 -18.24
CA ASN A 516 -19.84 12.86 -16.81
C ASN A 516 -20.81 13.88 -16.21
N GLU A 517 -21.78 13.38 -15.44
CA GLU A 517 -22.78 14.23 -14.83
C GLU A 517 -22.19 15.17 -13.77
N GLY A 518 -20.91 15.00 -13.43
CA GLY A 518 -20.21 15.93 -12.57
C GLY A 518 -19.78 17.20 -13.25
N VAL A 519 -19.89 17.28 -14.58
CA VAL A 519 -19.55 18.48 -15.32
C VAL A 519 -20.77 19.09 -16.02
N ALA A 520 -21.81 18.32 -16.30
CA ALA A 520 -23.06 18.91 -16.76
C ALA A 520 -23.63 19.86 -15.71
N THR A 521 -23.56 19.47 -14.44
CA THR A 521 -23.80 20.38 -13.33
C THR A 521 -22.57 21.27 -13.15
N TYR A 522 -22.35 21.81 -11.95
CA TYR A 522 -21.18 22.64 -11.67
C TYR A 522 -20.99 23.73 -12.71
N ALA A 523 -20.59 23.33 -13.93
CA ALA A 523 -20.46 24.27 -15.03
C ALA A 523 -21.76 25.03 -15.29
N ALA A 524 -22.90 24.39 -15.04
CA ALA A 524 -24.18 25.09 -15.08
C ALA A 524 -24.48 25.80 -13.77
N ALA A 525 -23.96 25.28 -12.65
CA ALA A 525 -24.17 25.94 -11.36
C ALA A 525 -23.51 27.31 -11.33
N VAL A 526 -22.47 27.51 -12.12
CA VAL A 526 -21.86 28.83 -12.23
C VAL A 526 -22.76 29.78 -13.00
N LEU A 527 -23.31 29.31 -14.13
CA LEU A 527 -24.15 30.16 -14.95
C LEU A 527 -25.43 30.60 -14.25
N PHE A 528 -25.81 29.92 -13.17
CA PHE A 528 -27.09 30.22 -12.54
C PHE A 528 -27.07 31.56 -11.81
N ARG A 529 -25.92 32.01 -11.33
CA ARG A 529 -25.89 33.24 -10.56
C ARG A 529 -25.38 34.43 -11.35
N MET A 530 -24.63 34.21 -12.43
CA MET A 530 -23.98 35.30 -13.16
C MET A 530 -24.97 36.22 -13.86
N SER A 531 -25.10 36.08 -15.17
CA SER A 531 -25.87 37.02 -15.98
C SER A 531 -27.37 36.79 -15.87
N GLU A 532 -27.89 36.63 -14.66
CA GLU A 532 -29.32 36.41 -14.45
C GLU A 532 -30.08 37.72 -14.47
N ASP A 533 -30.22 38.35 -13.29
CA ASP A 533 -31.02 39.56 -13.20
C ASP A 533 -30.18 40.81 -13.45
N THR B 10 -25.48 10.57 5.57
CA THR B 10 -25.67 11.58 6.60
C THR B 10 -27.13 11.67 7.03
N LEU B 11 -27.37 11.55 8.33
CA LEU B 11 -28.69 11.67 8.92
C LEU B 11 -28.72 12.83 9.90
N VAL B 12 -29.81 13.60 9.87
CA VAL B 12 -30.00 14.71 10.79
C VAL B 12 -31.42 14.64 11.34
N ARG B 13 -31.58 15.10 12.58
CA ARG B 13 -32.89 15.22 13.19
C ARG B 13 -33.21 16.69 13.37
N PRO B 14 -34.15 17.25 12.61
CA PRO B 14 -34.41 18.69 12.71
C PRO B 14 -35.08 19.06 14.02
N LYS B 15 -35.02 20.34 14.34
CA LYS B 15 -35.73 20.86 15.49
C LYS B 15 -37.21 21.06 15.14
N PRO B 16 -38.11 20.86 16.10
CA PRO B 16 -39.55 20.85 15.78
C PRO B 16 -40.05 22.16 15.17
N LEU B 17 -39.39 23.29 15.43
CA LEU B 17 -39.79 24.53 14.77
C LEU B 17 -39.53 24.50 13.27
N LEU B 18 -38.67 23.59 12.80
CA LEU B 18 -38.50 23.36 11.37
C LEU B 18 -39.40 22.27 10.84
N LEU B 19 -39.68 21.25 11.68
CA LEU B 19 -40.49 20.11 11.23
C LEU B 19 -41.85 20.56 10.71
N LYS B 20 -42.39 21.66 11.24
CA LYS B 20 -43.68 22.16 10.76
C LYS B 20 -43.65 22.41 9.26
N LEU B 21 -42.52 22.90 8.74
CA LEU B 21 -42.40 23.12 7.31
C LEU B 21 -42.48 21.81 6.54
N LEU B 22 -41.72 20.81 6.99
CA LEU B 22 -41.76 19.51 6.32
C LEU B 22 -43.09 18.81 6.54
N LYS B 23 -43.65 18.92 7.75
CA LYS B 23 -44.96 18.35 8.03
C LYS B 23 -46.08 19.06 7.27
N SER B 24 -45.81 20.25 6.72
CA SER B 24 -46.83 20.98 5.97
C SER B 24 -47.05 20.35 4.59
N VAL B 25 -45.98 20.17 3.82
CA VAL B 25 -46.08 19.40 2.59
C VAL B 25 -46.42 17.94 2.89
N GLY B 26 -46.13 17.48 4.11
CA GLY B 26 -46.66 16.21 4.56
C GLY B 26 -45.65 15.18 5.01
N ALA B 27 -44.60 15.62 5.70
CA ALA B 27 -43.55 14.69 6.10
C ALA B 27 -44.08 13.65 7.08
N GLN B 28 -43.51 12.45 7.01
CA GLN B 28 -43.90 11.34 7.88
C GLN B 28 -42.82 10.93 8.86
N LYS B 29 -41.55 10.96 8.46
CA LYS B 29 -40.47 10.56 9.36
C LYS B 29 -40.15 11.69 10.33
N ASP B 30 -39.29 11.38 11.30
CA ASP B 30 -38.77 12.40 12.21
C ASP B 30 -37.31 12.75 11.96
N THR B 31 -36.59 11.93 11.21
CA THR B 31 -35.22 12.21 10.80
C THR B 31 -35.13 12.06 9.29
N TYR B 32 -34.26 12.85 8.68
CA TYR B 32 -34.15 12.89 7.23
C TYR B 32 -32.70 13.06 6.82
N THR B 33 -32.40 12.62 5.60
CA THR B 33 -31.14 12.97 4.96
C THR B 33 -31.22 14.39 4.41
N MET B 34 -30.04 15.01 4.26
CA MET B 34 -30.00 16.35 3.69
C MET B 34 -30.56 16.41 2.28
N LYS B 35 -30.59 15.28 1.57
CA LYS B 35 -31.28 15.22 0.29
C LYS B 35 -32.78 15.43 0.46
N GLU B 36 -33.37 14.83 1.50
CA GLU B 36 -34.80 14.92 1.70
C GLU B 36 -35.20 16.29 2.23
N VAL B 37 -34.39 16.88 3.12
CA VAL B 37 -34.70 18.20 3.65
C VAL B 37 -34.62 19.25 2.55
N LEU B 38 -33.59 19.18 1.70
CA LEU B 38 -33.50 20.07 0.56
C LEU B 38 -34.52 19.76 -0.52
N PHE B 39 -35.25 18.65 -0.40
CA PHE B 39 -36.33 18.30 -1.30
C PHE B 39 -37.67 18.82 -0.79
N TYR B 40 -38.00 18.50 0.47
CA TYR B 40 -39.27 18.98 1.03
C TYR B 40 -39.31 20.49 1.15
N LEU B 41 -38.15 21.13 1.33
CA LEU B 41 -38.11 22.58 1.43
C LEU B 41 -38.34 23.22 0.06
N GLY B 42 -37.67 22.70 -0.98
CA GLY B 42 -37.91 23.18 -2.32
C GLY B 42 -39.32 22.95 -2.81
N GLN B 43 -40.03 21.98 -2.23
CA GLN B 43 -41.43 21.77 -2.56
C GLN B 43 -42.31 22.85 -1.93
N TYR B 44 -41.94 23.34 -0.74
CA TYR B 44 -42.74 24.36 -0.07
C TYR B 44 -42.67 25.68 -0.80
N ILE B 45 -41.45 26.16 -1.08
CA ILE B 45 -41.28 27.43 -1.80
C ILE B 45 -42.04 27.40 -3.11
N MET B 46 -42.02 26.26 -3.80
CA MET B 46 -42.66 26.14 -5.09
C MET B 46 -44.18 25.98 -4.97
N THR B 47 -44.65 25.29 -3.93
CA THR B 47 -46.09 25.18 -3.70
C THR B 47 -46.67 26.51 -3.21
N LYS B 48 -46.13 27.04 -2.11
CA LYS B 48 -46.59 28.31 -1.57
C LYS B 48 -46.23 29.50 -2.47
N ARG B 49 -45.47 29.27 -3.54
CA ARG B 49 -45.06 30.32 -4.46
C ARG B 49 -44.32 31.45 -3.76
N LEU B 50 -43.02 31.27 -3.54
CA LEU B 50 -42.20 32.29 -2.89
C LEU B 50 -41.15 32.88 -3.80
N TYR B 51 -40.88 32.27 -4.95
CA TYR B 51 -39.94 32.84 -5.90
C TYR B 51 -40.56 34.05 -6.60
N ASP B 52 -39.69 34.86 -7.22
CA ASP B 52 -40.11 36.01 -8.02
C ASP B 52 -40.15 35.54 -9.47
N GLU B 53 -41.35 35.29 -9.98
CA GLU B 53 -41.50 34.69 -11.30
C GLU B 53 -40.94 35.56 -12.43
N LYS B 54 -40.67 36.83 -12.18
CA LYS B 54 -39.96 37.65 -13.15
C LYS B 54 -38.59 37.05 -13.43
N GLN B 55 -37.70 37.13 -12.42
CA GLN B 55 -36.40 36.48 -12.45
C GLN B 55 -36.33 35.60 -11.21
N GLN B 56 -36.27 34.29 -11.41
CA GLN B 56 -36.69 33.32 -10.41
C GLN B 56 -35.58 32.86 -9.48
N HIS B 57 -34.43 33.54 -9.44
CA HIS B 57 -33.35 33.13 -8.55
C HIS B 57 -33.42 33.84 -7.19
N ILE B 58 -34.57 34.44 -6.86
CA ILE B 58 -34.78 35.11 -5.58
C ILE B 58 -35.98 34.49 -4.89
N VAL B 59 -35.86 34.28 -3.58
CA VAL B 59 -36.92 33.68 -2.77
C VAL B 59 -37.33 34.70 -1.70
N TYR B 60 -38.63 34.94 -1.60
CA TYR B 60 -39.18 35.88 -0.62
C TYR B 60 -39.80 35.13 0.55
N CYS B 61 -39.59 35.64 1.75
CA CYS B 61 -40.18 35.07 2.95
C CYS B 61 -40.31 36.13 4.04
N SER B 62 -41.08 37.18 3.76
CA SER B 62 -41.26 38.28 4.71
C SER B 62 -41.97 37.79 5.96
N ASN B 63 -43.25 37.48 5.83
CA ASN B 63 -44.03 36.94 6.95
C ASN B 63 -44.39 35.49 6.71
N ASP B 64 -43.39 34.63 6.52
CA ASP B 64 -43.59 33.21 6.28
C ASP B 64 -42.79 32.42 7.29
N LEU B 65 -42.99 31.10 7.27
CA LEU B 65 -42.25 30.22 8.18
C LEU B 65 -40.75 30.29 7.91
N LEU B 66 -40.36 30.39 6.64
CA LEU B 66 -38.94 30.54 6.31
C LEU B 66 -38.38 31.84 6.89
N GLY B 67 -39.18 32.91 6.87
CA GLY B 67 -38.75 34.16 7.47
C GLY B 67 -38.55 34.08 8.96
N ASP B 68 -39.11 33.06 9.62
CA ASP B 68 -38.88 32.80 11.02
C ASP B 68 -37.74 31.81 11.24
N LEU B 69 -37.70 30.74 10.44
CA LEU B 69 -36.64 29.75 10.58
C LEU B 69 -35.28 30.35 10.19
N PHE B 70 -35.19 30.96 9.02
CA PHE B 70 -33.91 31.44 8.52
C PHE B 70 -33.49 32.72 9.24
N GLY B 71 -34.30 33.76 9.16
CA GLY B 71 -33.99 35.05 9.76
C GLY B 71 -33.83 36.18 8.77
N VAL B 72 -33.68 35.89 7.48
CA VAL B 72 -33.51 36.91 6.44
C VAL B 72 -34.82 37.00 5.67
N PRO B 73 -35.37 38.20 5.44
CA PRO B 73 -36.65 38.28 4.73
C PRO B 73 -36.57 37.84 3.28
N SER B 74 -35.41 37.95 2.64
CA SER B 74 -35.28 37.57 1.24
C SER B 74 -33.85 37.12 0.97
N PHE B 75 -33.70 35.87 0.53
CA PHE B 75 -32.40 35.30 0.21
C PHE B 75 -32.42 34.80 -1.24
N SER B 76 -31.25 34.79 -1.87
CA SER B 76 -31.13 34.30 -3.23
C SER B 76 -31.11 32.77 -3.23
N VAL B 77 -31.24 32.19 -4.42
CA VAL B 77 -31.27 30.73 -4.53
C VAL B 77 -29.87 30.15 -4.34
N LYS B 78 -28.89 30.68 -5.08
CA LYS B 78 -27.53 30.17 -5.01
C LYS B 78 -26.63 31.18 -4.30
N GLU B 79 -26.79 31.24 -2.97
CA GLU B 79 -25.74 31.73 -2.10
C GLU B 79 -25.11 30.61 -1.30
N HIS B 80 -25.56 29.36 -1.52
CA HIS B 80 -24.96 28.15 -0.98
C HIS B 80 -24.76 28.18 0.53
N ARG B 81 -23.50 28.34 0.93
CA ARG B 81 -23.05 28.19 2.32
C ARG B 81 -23.98 28.83 3.34
N LYS B 82 -24.53 30.00 3.01
CA LYS B 82 -25.52 30.62 3.89
C LYS B 82 -26.77 29.75 4.00
N ILE B 83 -27.31 29.31 2.87
CA ILE B 83 -28.46 28.40 2.89
C ILE B 83 -28.08 27.09 3.58
N TYR B 84 -26.87 26.60 3.32
CA TYR B 84 -26.43 25.36 3.95
C TYR B 84 -26.32 25.52 5.47
N THR B 85 -25.93 26.71 5.92
CA THR B 85 -25.78 26.96 7.35
C THR B 85 -27.08 27.44 7.99
N MET B 86 -27.94 28.14 7.24
CA MET B 86 -29.24 28.51 7.77
C MET B 86 -30.06 27.28 8.12
N ILE B 87 -29.99 26.25 7.28
CA ILE B 87 -30.59 24.97 7.65
C ILE B 87 -29.86 24.36 8.83
N TYR B 88 -28.54 24.55 8.90
CA TYR B 88 -27.67 23.84 9.83
C TYR B 88 -27.75 24.36 11.27
N ARG B 89 -28.70 25.23 11.59
CA ARG B 89 -28.92 25.65 12.97
C ARG B 89 -30.19 25.07 13.58
N ASN B 90 -31.18 24.75 12.76
CA ASN B 90 -32.43 24.18 13.23
C ASN B 90 -32.46 22.65 13.16
N LEU B 91 -31.29 22.02 13.16
CA LEU B 91 -31.19 20.57 13.22
C LEU B 91 -30.13 20.18 14.25
N VAL B 92 -30.24 18.96 14.76
CA VAL B 92 -29.20 18.34 15.58
C VAL B 92 -28.76 17.09 14.84
N VAL B 93 -27.50 17.09 14.38
CA VAL B 93 -27.02 16.02 13.51
C VAL B 93 -26.90 14.71 14.28
N VAL B 94 -27.17 13.61 13.59
CA VAL B 94 -26.96 12.28 14.15
C VAL B 94 -26.42 11.34 13.07
N CYS C 9 -36.79 27.63 -14.56
CA CYS C 9 -35.50 28.17 -14.14
C CYS C 9 -35.31 28.01 -12.63
N PHE C 10 -36.42 27.90 -11.90
CA PHE C 10 -36.34 27.54 -10.48
C PHE C 10 -36.21 26.03 -10.31
N TRP C 11 -36.84 25.26 -11.20
CA TRP C 11 -36.69 23.80 -11.14
C TRP C 11 -35.29 23.37 -11.54
N ALA C 12 -34.64 24.11 -12.45
CA ALA C 12 -33.26 23.86 -12.81
C ALA C 12 -32.29 24.52 -11.85
N ALA C 13 -32.79 25.10 -10.76
CA ALA C 13 -31.96 25.80 -9.78
C ALA C 13 -31.66 24.94 -8.56
N TRP C 14 -32.71 24.50 -7.86
CA TRP C 14 -32.55 23.73 -6.64
C TRP C 14 -31.94 22.35 -6.88
N ASP C 15 -31.85 21.90 -8.12
CA ASP C 15 -31.11 20.67 -8.41
C ASP C 15 -29.61 20.90 -8.34
N CYS C 16 -29.13 21.99 -8.96
CA CYS C 16 -27.72 22.33 -8.82
C CYS C 16 -27.41 22.85 -7.43
N LEU C 17 -28.42 23.30 -6.68
CA LEU C 17 -28.22 23.64 -5.27
C LEU C 17 -27.81 22.40 -4.51
N TYR C 18 -28.71 21.41 -4.41
CA TYR C 18 -28.30 20.13 -3.85
C TYR C 18 -27.50 19.36 -4.90
N PHE C 19 -26.32 19.85 -5.21
CA PHE C 19 -25.29 19.08 -5.89
C PHE C 19 -24.00 19.04 -5.10
N ILE C 20 -23.60 20.18 -4.51
CA ILE C 20 -22.52 20.20 -3.52
C ILE C 20 -23.02 19.75 -2.16
N TYR C 21 -24.30 19.38 -2.07
CA TYR C 21 -24.92 18.80 -0.89
C TYR C 21 -25.03 19.84 0.21
CA WHL D . -30.19 27.12 -16.73
CB WHL D . -29.50 26.12 -16.05
NB WHL D . -28.61 25.07 -14.01
OB WHL D . -32.97 28.65 -17.61
CG WHL D . -32.66 29.57 -16.91
CD WHL D . -29.89 27.24 -13.96
CE WHL D . -30.58 28.26 -14.63
CH WHL D . -33.49 30.88 -16.95
CC WHL D . -29.35 26.18 -14.67
CF WHL D . -30.71 28.18 -16.01
CJ WHL D . -27.70 25.27 -12.91
CK WHL D . -26.99 24.10 -12.29
NA WHL D . -31.47 29.47 -16.02
OA WHL D . -27.52 26.34 -12.48
#